data_2B0R
#
_entry.id   2B0R
#
_cell.length_a   67.258
_cell.length_b   58.863
_cell.length_c   65.810
_cell.angle_alpha   90.00
_cell.angle_beta   115.47
_cell.angle_gamma   90.00
#
_symmetry.space_group_name_H-M   'P 1 21 1'
#
loop_
_entity.id
_entity.type
_entity.pdbx_description
1 polymer 'possible adenyl cyclase-associated protein'
2 non-polymer 'UNKNOWN ATOM OR ION'
#
_entity_poly.entity_id   1
_entity_poly.type   'polypeptide(L)'
_entity_poly.pdbx_seq_one_letter_code
;MGSSHHHHHHSSGLVPRGSKSQIYLKKEKKMKAARQVVTNGSPKVELQKDTYLVENHVNCADPITLSEGSIKNKVSVRCS
QNSRIIVEQKVNSIFIENCVGCIFLVNGVISSIEIVNCDDIKLQMTGIVPTISLDKSNKVNIYTSKEGKNVEVYSSKSSE
MNLLFPGEEEGDWKELAIPEQFVTKYNESKGKLESMVSPLYG
;
_entity_poly.pdbx_strand_id   A,B
#
loop_
_chem_comp.id
_chem_comp.type
_chem_comp.name
_chem_comp.formula
UNX non-polymer 'UNKNOWN ATOM OR ION' ?
#
# COMPACT_ATOMS: atom_id res chain seq x y z
N ARG A 35 1.81 -15.13 -10.68
CA ARG A 35 1.81 -15.70 -9.28
C ARG A 35 0.71 -16.76 -9.06
N GLN A 36 1.11 -17.94 -8.59
CA GLN A 36 0.23 -19.13 -8.53
C GLN A 36 -0.40 -19.37 -7.14
N VAL A 37 -1.72 -19.43 -7.12
CA VAL A 37 -2.43 -19.48 -5.85
C VAL A 37 -2.26 -20.84 -5.19
N VAL A 38 -1.95 -20.81 -3.89
CA VAL A 38 -1.90 -22.02 -3.07
C VAL A 38 -3.35 -22.42 -2.72
N THR A 39 -3.86 -23.45 -3.42
CA THR A 39 -5.24 -23.95 -3.20
C THR A 39 -5.39 -24.64 -1.87
N ASN A 40 -6.59 -25.13 -1.59
CA ASN A 40 -6.90 -25.66 -0.24
C ASN A 40 -7.84 -26.88 -0.19
N GLY A 41 -8.28 -27.33 -1.35
CA GLY A 41 -9.17 -28.49 -1.40
C GLY A 41 -9.88 -28.61 -2.73
N SER A 42 -11.03 -29.29 -2.73
CA SER A 42 -11.84 -29.40 -3.94
C SER A 42 -12.44 -28.03 -4.28
N PRO A 43 -12.43 -27.68 -5.59
CA PRO A 43 -13.41 -26.75 -6.15
C PRO A 43 -14.75 -26.92 -5.42
N LYS A 44 -15.17 -25.84 -4.75
CA LYS A 44 -16.23 -25.85 -3.75
C LYS A 44 -17.19 -24.69 -4.01
N VAL A 45 -18.49 -24.99 -4.00
CA VAL A 45 -19.54 -24.00 -3.88
C VAL A 45 -20.53 -24.55 -2.89
N GLU A 46 -20.46 -24.10 -1.64
CA GLU A 46 -21.39 -24.60 -0.61
C GLU A 46 -21.78 -23.55 0.44
N LEU A 47 -22.89 -23.84 1.14
CA LEU A 47 -23.52 -22.91 2.09
C LEU A 47 -23.24 -23.28 3.56
N GLN A 48 -22.43 -22.45 4.24
CA GLN A 48 -22.07 -22.65 5.63
C GLN A 48 -22.76 -21.58 6.49
N LYS A 49 -23.78 -22.00 7.25
CA LYS A 49 -24.62 -21.09 8.05
C LYS A 49 -25.30 -20.10 7.09
N ASP A 50 -24.89 -18.84 7.13
CA ASP A 50 -25.49 -17.82 6.25
C ASP A 50 -24.52 -17.34 5.16
N THR A 51 -23.36 -18.00 5.05
CA THR A 51 -22.30 -17.66 4.07
C THR A 51 -22.14 -18.72 2.94
N TYR A 52 -22.01 -18.26 1.70
CA TYR A 52 -21.65 -19.10 0.57
C TYR A 52 -20.16 -19.10 0.36
N LEU A 53 -19.52 -20.27 0.52
CA LEU A 53 -18.07 -20.35 0.29
C LEU A 53 -17.90 -20.82 -1.12
N VAL A 54 -17.13 -20.05 -1.89
CA VAL A 54 -16.84 -20.30 -3.30
C VAL A 54 -15.31 -20.40 -3.38
N GLU A 55 -14.76 -21.60 -3.50
CA GLU A 55 -13.32 -21.81 -3.26
C GLU A 55 -12.60 -22.67 -4.25
N ASN A 56 -11.29 -22.40 -4.40
CA ASN A 56 -10.34 -23.28 -5.11
C ASN A 56 -10.75 -23.52 -6.54
N HIS A 57 -11.11 -22.46 -7.24
CA HIS A 57 -11.44 -22.62 -8.65
C HIS A 57 -10.29 -22.12 -9.48
N VAL A 58 -9.58 -23.07 -10.08
CA VAL A 58 -8.35 -22.82 -10.82
C VAL A 58 -8.51 -23.16 -12.31
N ASN A 59 -8.21 -22.17 -13.14
CA ASN A 59 -8.29 -22.26 -14.60
C ASN A 59 -9.59 -22.86 -15.14
N CYS A 60 -10.70 -22.51 -14.52
CA CYS A 60 -12.00 -22.99 -14.99
C CYS A 60 -12.31 -22.45 -16.37
N ALA A 61 -12.70 -23.36 -17.26
CA ALA A 61 -13.13 -23.01 -18.61
C ALA A 61 -14.45 -22.21 -18.55
N ASP A 62 -15.32 -22.62 -17.63
CA ASP A 62 -16.64 -22.03 -17.47
C ASP A 62 -16.76 -21.07 -16.26
N PRO A 63 -17.58 -20.04 -16.40
CA PRO A 63 -17.94 -19.21 -15.26
C PRO A 63 -18.59 -20.04 -14.17
N ILE A 64 -18.22 -19.78 -12.91
CA ILE A 64 -18.96 -20.34 -11.79
C ILE A 64 -20.04 -19.37 -11.38
N THR A 65 -21.30 -19.82 -11.43
CA THR A 65 -22.43 -18.98 -11.10
C THR A 65 -23.11 -19.40 -9.81
N LEU A 66 -23.29 -18.42 -8.93
CA LEU A 66 -24.13 -18.60 -7.77
C LEU A 66 -25.46 -17.89 -8.05
N SER A 67 -26.52 -18.67 -8.24
CA SER A 67 -27.79 -18.11 -8.67
C SER A 67 -28.84 -18.03 -7.55
N GLU A 68 -28.48 -18.48 -6.37
CA GLU A 68 -29.37 -18.39 -5.24
C GLU A 68 -28.79 -17.42 -4.19
N GLY A 69 -29.59 -17.10 -3.19
CA GLY A 69 -29.15 -16.21 -2.12
C GLY A 69 -30.03 -15.00 -1.99
N SER A 70 -29.93 -14.34 -0.84
CA SER A 70 -30.72 -13.13 -0.54
C SER A 70 -29.83 -12.16 0.23
N ILE A 71 -30.41 -11.03 0.66
CA ILE A 71 -29.68 -10.00 1.40
C ILE A 71 -29.18 -10.44 2.79
N LYS A 72 -29.68 -11.59 3.25
CA LYS A 72 -29.27 -12.16 4.54
C LYS A 72 -27.93 -12.88 4.44
N ASN A 73 -27.48 -13.13 3.22
CA ASN A 73 -26.32 -13.96 2.98
C ASN A 73 -25.04 -13.19 2.68
N LYS A 74 -23.94 -13.85 2.97
CA LYS A 74 -22.62 -13.37 2.63
C LYS A 74 -22.06 -14.31 1.57
N VAL A 75 -21.05 -13.88 0.84
CA VAL A 75 -20.37 -14.77 -0.10
C VAL A 75 -18.88 -14.58 0.19
N SER A 76 -18.17 -15.68 0.40
CA SER A 76 -16.70 -15.65 0.56
C SER A 76 -16.06 -16.35 -0.64
N VAL A 77 -15.20 -15.64 -1.36
CA VAL A 77 -14.48 -16.27 -2.45
C VAL A 77 -12.99 -16.31 -2.13
N ARG A 78 -12.45 -17.55 -2.05
CA ARG A 78 -11.03 -17.77 -1.68
C ARG A 78 -10.28 -18.64 -2.66
N CYS A 79 -8.97 -18.37 -2.77
CA CYS A 79 -8.01 -19.23 -3.50
C CYS A 79 -8.38 -19.57 -4.91
N SER A 80 -8.61 -18.57 -5.73
CA SER A 80 -8.99 -18.88 -7.06
C SER A 80 -8.12 -18.14 -8.08
N GLN A 81 -8.05 -18.72 -9.28
CA GLN A 81 -7.20 -18.22 -10.35
C GLN A 81 -7.83 -18.43 -11.70
N ASN A 82 -7.58 -17.51 -12.62
CA ASN A 82 -8.19 -17.51 -13.95
C ASN A 82 -9.59 -18.12 -14.04
N SER A 83 -10.56 -17.50 -13.39
CA SER A 83 -11.96 -17.94 -13.55
C SER A 83 -12.92 -16.76 -13.46
N ARG A 84 -14.01 -16.82 -14.24
CA ARG A 84 -15.12 -15.89 -14.08
C ARG A 84 -15.99 -16.43 -12.95
N ILE A 85 -16.27 -15.59 -11.96
CA ILE A 85 -17.29 -15.88 -10.93
C ILE A 85 -18.46 -14.88 -11.04
N ILE A 86 -19.68 -15.38 -10.85
CA ILE A 86 -20.88 -14.62 -11.09
C ILE A 86 -21.81 -14.84 -9.95
N VAL A 87 -22.17 -13.75 -9.29
CA VAL A 87 -23.14 -13.79 -8.20
C VAL A 87 -24.44 -13.13 -8.69
N GLU A 88 -25.52 -13.89 -8.74
CA GLU A 88 -26.74 -13.39 -9.35
C GLU A 88 -27.54 -12.50 -8.40
N GLN A 89 -27.66 -12.92 -7.15
CA GLN A 89 -28.46 -12.19 -6.22
C GLN A 89 -27.68 -11.07 -5.54
N LYS A 90 -28.41 -10.03 -5.17
CA LYS A 90 -27.95 -9.08 -4.19
C LYS A 90 -27.85 -9.81 -2.86
N VAL A 91 -26.69 -9.69 -2.24
CA VAL A 91 -26.39 -10.32 -0.97
C VAL A 91 -26.00 -9.24 0.02
N ASN A 92 -25.76 -9.65 1.27
CA ASN A 92 -25.35 -8.69 2.27
C ASN A 92 -24.05 -7.98 1.93
N SER A 93 -23.04 -8.78 1.63
CA SER A 93 -21.69 -8.32 1.44
C SER A 93 -20.92 -9.46 0.82
N ILE A 94 -19.77 -9.16 0.29
CA ILE A 94 -18.97 -10.19 -0.32
C ILE A 94 -17.53 -10.00 0.15
N PHE A 95 -16.87 -11.10 0.47
CA PHE A 95 -15.47 -11.09 0.89
C PHE A 95 -14.65 -11.89 -0.15
N ILE A 96 -13.62 -11.26 -0.73
CA ILE A 96 -12.77 -11.94 -1.75
C ILE A 96 -11.33 -11.93 -1.32
N GLU A 97 -10.77 -13.12 -1.11
CA GLU A 97 -9.38 -13.23 -0.67
C GLU A 97 -8.52 -14.17 -1.51
N ASN A 98 -7.28 -13.72 -1.75
CA ASN A 98 -6.26 -14.55 -2.35
C ASN A 98 -6.73 -15.06 -3.71
N CYS A 99 -7.07 -14.16 -4.60
CA CYS A 99 -7.52 -14.56 -5.91
C CYS A 99 -6.66 -13.89 -6.94
N VAL A 100 -6.41 -14.57 -8.06
CA VAL A 100 -5.46 -14.06 -9.02
C VAL A 100 -5.94 -14.18 -10.45
N GLY A 101 -5.91 -13.07 -11.16
CA GLY A 101 -6.44 -13.02 -12.52
C GLY A 101 -7.83 -13.59 -12.54
N CYS A 102 -8.71 -13.09 -11.67
CA CYS A 102 -10.11 -13.50 -11.69
C CYS A 102 -10.99 -12.37 -12.18
N ILE A 103 -12.19 -12.73 -12.63
CA ILE A 103 -13.23 -11.76 -13.04
C ILE A 103 -14.46 -12.07 -12.26
N PHE A 104 -15.07 -11.02 -11.69
CA PHE A 104 -16.27 -11.19 -10.90
C PHE A 104 -17.38 -10.37 -11.50
N LEU A 105 -18.55 -10.97 -11.70
CA LEU A 105 -19.72 -10.19 -12.03
C LEU A 105 -20.65 -10.34 -10.87
N VAL A 106 -21.12 -9.22 -10.35
CA VAL A 106 -22.02 -9.24 -9.18
C VAL A 106 -23.23 -8.37 -9.41
N ASN A 107 -24.30 -8.68 -8.71
CA ASN A 107 -25.48 -7.85 -8.70
C ASN A 107 -25.20 -6.56 -7.87
N GLY A 108 -25.37 -6.68 -6.56
CA GLY A 108 -24.92 -5.65 -5.66
C GLY A 108 -24.82 -6.18 -4.26
N VAL A 109 -24.51 -5.27 -3.32
CA VAL A 109 -24.48 -5.63 -1.88
C VAL A 109 -25.19 -4.60 -0.98
N ILE A 110 -25.68 -5.05 0.15
CA ILE A 110 -26.24 -4.18 1.15
C ILE A 110 -25.11 -3.28 1.69
N SER A 111 -23.98 -3.87 2.02
CA SER A 111 -22.94 -3.03 2.61
C SER A 111 -21.69 -2.97 1.74
N SER A 112 -20.85 -3.99 1.79
CA SER A 112 -19.57 -3.84 1.15
C SER A 112 -19.01 -5.07 0.42
N ILE A 113 -18.05 -4.82 -0.46
CA ILE A 113 -17.22 -5.91 -0.97
C ILE A 113 -15.82 -5.66 -0.50
N GLU A 114 -15.24 -6.70 0.05
CA GLU A 114 -13.97 -6.63 0.66
C GLU A 114 -13.00 -7.44 -0.18
N ILE A 115 -11.95 -6.77 -0.64
CA ILE A 115 -10.93 -7.44 -1.44
C ILE A 115 -9.59 -7.44 -0.69
N VAL A 116 -9.08 -8.62 -0.40
CA VAL A 116 -7.84 -8.74 0.38
C VAL A 116 -6.83 -9.68 -0.27
N ASN A 117 -5.59 -9.19 -0.39
CA ASN A 117 -4.49 -10.01 -0.92
C ASN A 117 -4.87 -10.60 -2.29
N CYS A 118 -5.30 -9.72 -3.22
CA CYS A 118 -5.63 -10.21 -4.53
C CYS A 118 -4.78 -9.55 -5.59
N ASP A 119 -4.60 -10.25 -6.72
CA ASP A 119 -3.86 -9.69 -7.83
C ASP A 119 -4.61 -9.93 -9.12
N ASP A 120 -4.56 -8.93 -9.99
CA ASP A 120 -5.15 -9.02 -11.32
C ASP A 120 -6.64 -9.37 -11.23
N ILE A 121 -7.42 -8.44 -10.70
CA ILE A 121 -8.84 -8.69 -10.41
C ILE A 121 -9.74 -7.73 -11.15
N LYS A 122 -10.80 -8.23 -11.73
CA LYS A 122 -11.76 -7.38 -12.41
C LYS A 122 -13.08 -7.61 -11.78
N LEU A 123 -13.70 -6.55 -11.24
CA LEU A 123 -14.99 -6.69 -10.65
C LEU A 123 -15.98 -5.77 -11.34
N GLN A 124 -17.13 -6.33 -11.72
CA GLN A 124 -18.21 -5.57 -12.30
C GLN A 124 -19.51 -5.81 -11.57
N MET A 125 -20.28 -4.76 -11.40
CA MET A 125 -21.57 -4.82 -10.75
C MET A 125 -22.65 -4.41 -11.74
N THR A 126 -23.85 -4.97 -11.60
CA THR A 126 -24.98 -4.48 -12.41
C THR A 126 -25.89 -3.62 -11.57
N GLY A 127 -25.77 -3.73 -10.24
CA GLY A 127 -26.63 -3.01 -9.31
C GLY A 127 -25.90 -2.03 -8.39
N ILE A 128 -26.29 -2.03 -7.12
CA ILE A 128 -25.68 -1.14 -6.14
C ILE A 128 -24.59 -1.84 -5.30
N VAL A 129 -23.43 -1.19 -5.22
CA VAL A 129 -22.39 -1.55 -4.25
C VAL A 129 -21.99 -0.28 -3.50
N PRO A 130 -22.50 -0.11 -2.26
CA PRO A 130 -22.21 1.15 -1.52
C PRO A 130 -20.71 1.40 -1.27
N THR A 131 -19.99 0.34 -0.87
CA THR A 131 -18.64 0.42 -0.35
C THR A 131 -17.79 -0.71 -0.91
N ILE A 132 -16.59 -0.39 -1.36
CA ILE A 132 -15.58 -1.42 -1.66
C ILE A 132 -14.28 -1.15 -0.92
N SER A 133 -13.65 -2.22 -0.44
CA SER A 133 -12.41 -2.07 0.26
C SER A 133 -11.32 -2.93 -0.35
N LEU A 134 -10.19 -2.30 -0.65
CA LEU A 134 -9.05 -2.97 -1.26
C LEU A 134 -7.86 -2.87 -0.35
N ASP A 135 -7.31 -4.02 -0.01
CA ASP A 135 -6.20 -4.08 0.91
C ASP A 135 -5.15 -5.09 0.43
N LYS A 136 -3.88 -4.66 0.34
CA LYS A 136 -2.79 -5.50 -0.18
C LYS A 136 -3.14 -6.18 -1.51
N SER A 137 -3.54 -5.41 -2.49
CA SER A 137 -3.98 -5.98 -3.72
C SER A 137 -3.42 -5.20 -4.90
N ASN A 138 -3.29 -5.84 -6.07
CA ASN A 138 -2.70 -5.15 -7.26
C ASN A 138 -3.39 -5.40 -8.59
N LYS A 139 -3.46 -4.36 -9.43
CA LYS A 139 -4.16 -4.42 -10.70
C LYS A 139 -5.62 -4.86 -10.46
N VAL A 140 -6.40 -3.99 -9.83
CA VAL A 140 -7.79 -4.25 -9.61
C VAL A 140 -8.57 -3.22 -10.38
N ASN A 141 -9.47 -3.69 -11.22
CA ASN A 141 -10.36 -2.84 -11.99
C ASN A 141 -11.80 -3.05 -11.53
N ILE A 142 -12.46 -1.95 -11.24
CA ILE A 142 -13.81 -1.96 -10.73
C ILE A 142 -14.71 -1.28 -11.72
N TYR A 143 -15.67 -2.05 -12.26
CA TYR A 143 -16.63 -1.52 -13.25
C TYR A 143 -17.98 -1.24 -12.60
N THR A 144 -18.40 0.02 -12.66
CA THR A 144 -19.59 0.40 -11.93
C THR A 144 -20.79 0.38 -12.86
N SER A 145 -21.97 0.15 -12.30
CA SER A 145 -23.24 0.35 -12.97
C SER A 145 -23.55 1.85 -12.98
N LYS A 146 -24.36 2.30 -13.94
CA LYS A 146 -24.85 3.68 -13.96
C LYS A 146 -25.37 4.04 -12.56
N GLU A 147 -26.20 3.15 -12.01
CA GLU A 147 -26.78 3.26 -10.66
C GLU A 147 -25.76 3.31 -9.49
N GLY A 148 -24.62 2.64 -9.65
CA GLY A 148 -23.66 2.50 -8.56
C GLY A 148 -22.41 3.35 -8.72
N LYS A 149 -22.53 4.47 -9.44
CA LYS A 149 -21.43 5.42 -9.67
C LYS A 149 -20.77 6.00 -8.38
N ASN A 150 -21.55 6.07 -7.30
CA ASN A 150 -21.15 6.81 -6.09
C ASN A 150 -20.45 5.95 -5.05
N VAL A 151 -19.86 4.86 -5.52
CA VAL A 151 -19.28 3.85 -4.63
C VAL A 151 -18.02 4.38 -3.90
N GLU A 152 -17.89 4.05 -2.63
CA GLU A 152 -16.76 4.46 -1.82
C GLU A 152 -15.75 3.37 -1.82
N VAL A 153 -14.54 3.67 -2.26
CA VAL A 153 -13.47 2.66 -2.31
C VAL A 153 -12.43 2.98 -1.26
N TYR A 154 -12.24 2.07 -0.32
CA TYR A 154 -11.20 2.19 0.71
C TYR A 154 -10.00 1.39 0.23
N SER A 155 -8.81 1.99 0.35
CA SER A 155 -7.60 1.38 -0.16
C SER A 155 -6.43 1.54 0.78
N SER A 156 -5.69 0.46 0.94
CA SER A 156 -4.49 0.47 1.77
C SER A 156 -3.58 -0.57 1.21
N LYS A 157 -2.27 -0.23 1.16
CA LYS A 157 -1.20 -1.14 0.71
C LYS A 157 -1.53 -1.80 -0.60
N SER A 158 -2.02 -1.02 -1.56
CA SER A 158 -2.52 -1.61 -2.78
C SER A 158 -2.14 -0.78 -3.96
N SER A 159 -1.94 -1.42 -5.10
CA SER A 159 -1.49 -0.66 -6.30
C SER A 159 -2.33 -0.90 -7.59
N GLU A 160 -2.08 -0.11 -8.63
CA GLU A 160 -2.79 -0.21 -9.93
C GLU A 160 -4.30 -0.48 -9.70
N MET A 161 -4.97 0.49 -9.09
CA MET A 161 -6.38 0.41 -8.87
C MET A 161 -7.09 1.40 -9.77
N ASN A 162 -8.07 0.91 -10.54
CA ASN A 162 -8.90 1.81 -11.36
C ASN A 162 -10.38 1.67 -11.14
N LEU A 163 -11.04 2.82 -11.27
CA LEU A 163 -12.47 2.87 -11.31
C LEU A 163 -12.89 3.20 -12.72
N LEU A 164 -13.93 2.50 -13.18
CA LEU A 164 -14.45 2.68 -14.51
C LEU A 164 -15.96 2.85 -14.52
N PHE A 165 -16.38 3.90 -15.23
CA PHE A 165 -17.76 4.36 -15.27
C PHE A 165 -18.29 4.23 -16.69
N PRO A 166 -19.53 3.72 -16.82
CA PRO A 166 -20.05 3.38 -18.15
C PRO A 166 -20.31 4.69 -18.87
N GLY A 167 -19.83 4.76 -20.10
CA GLY A 167 -19.98 5.96 -20.88
C GLY A 167 -21.34 5.98 -21.51
N GLU A 168 -21.55 6.92 -22.44
CA GLU A 168 -22.82 7.06 -23.17
C GLU A 168 -23.23 5.82 -23.96
N GLU A 169 -22.26 5.18 -24.62
CA GLU A 169 -22.51 3.96 -25.40
C GLU A 169 -21.92 2.75 -24.67
N GLU A 170 -22.54 1.59 -24.81
CA GLU A 170 -22.01 0.37 -24.20
C GLU A 170 -20.67 -0.05 -24.78
N GLY A 171 -19.75 -0.45 -23.90
CA GLY A 171 -18.37 -0.74 -24.26
C GLY A 171 -17.46 0.46 -24.02
N ASP A 172 -18.05 1.62 -23.75
CA ASP A 172 -17.27 2.78 -23.34
C ASP A 172 -17.17 2.82 -21.82
N TRP A 173 -15.96 3.12 -21.36
CA TRP A 173 -15.65 3.20 -19.97
C TRP A 173 -14.78 4.42 -19.77
N LYS A 174 -15.18 5.28 -18.84
CA LYS A 174 -14.30 6.30 -18.35
C LYS A 174 -13.41 5.60 -17.32
N GLU A 175 -12.10 5.57 -17.54
CA GLU A 175 -11.12 4.98 -16.61
C GLU A 175 -10.42 6.05 -15.74
N LEU A 176 -10.56 5.91 -14.41
CA LEU A 176 -9.95 6.84 -13.45
C LEU A 176 -9.12 6.09 -12.40
N ALA A 177 -7.85 6.48 -12.32
CA ALA A 177 -6.88 5.77 -11.46
C ALA A 177 -7.02 6.23 -10.01
N ILE A 178 -7.10 5.29 -9.08
CA ILE A 178 -7.19 5.60 -7.64
C ILE A 178 -5.78 5.90 -7.09
N PRO A 179 -5.60 7.03 -6.37
CA PRO A 179 -4.24 7.40 -5.92
C PRO A 179 -3.63 6.34 -4.99
N GLU A 180 -2.32 6.12 -5.10
CA GLU A 180 -1.65 5.12 -4.29
C GLU A 180 -0.43 5.69 -3.58
N GLN A 181 -0.38 7.03 -3.50
CA GLN A 181 0.64 7.73 -2.72
C GLN A 181 0.18 9.05 -2.13
N PHE A 182 0.57 9.26 -0.89
CA PHE A 182 0.14 10.42 -0.14
C PHE A 182 1.29 11.16 0.53
N VAL A 183 1.04 12.41 0.91
CA VAL A 183 2.05 13.24 1.53
C VAL A 183 1.47 13.68 2.89
N THR A 184 2.33 13.77 3.90
CA THR A 184 1.90 14.06 5.27
C THR A 184 2.86 15.09 5.84
N LYS A 185 2.30 16.15 6.44
CA LYS A 185 3.06 17.25 7.07
C LYS A 185 2.44 17.46 8.42
N TYR A 186 3.25 17.83 9.41
CA TYR A 186 2.74 18.30 10.70
C TYR A 186 2.19 19.71 10.51
N ASN A 187 0.91 19.91 10.82
CA ASN A 187 0.37 21.27 10.91
C ASN A 187 0.54 21.81 12.32
N GLU A 188 1.52 22.73 12.47
CA GLU A 188 1.97 23.20 13.78
C GLU A 188 0.88 24.03 14.45
N SER A 189 0.30 24.95 13.68
CA SER A 189 -0.80 25.83 14.13
C SER A 189 -2.11 25.10 14.42
N LYS A 190 -2.07 23.77 14.44
CA LYS A 190 -3.27 22.96 14.61
C LYS A 190 -2.93 21.67 15.37
N GLY A 191 -1.63 21.40 15.53
CA GLY A 191 -1.15 20.26 16.32
C GLY A 191 -1.62 18.89 15.84
N LYS A 192 -1.53 18.64 14.54
CA LYS A 192 -1.84 17.30 13.97
C LYS A 192 -1.24 17.18 12.57
N LEU A 193 -1.41 16.01 11.96
CA LEU A 193 -0.91 15.74 10.61
C LEU A 193 -2.01 15.97 9.59
N GLU A 194 -1.61 16.42 8.41
CA GLU A 194 -2.54 16.52 7.29
C GLU A 194 -1.95 15.80 6.09
N SER A 195 -2.71 14.87 5.53
CA SER A 195 -2.28 14.19 4.32
C SER A 195 -3.11 14.57 3.10
N MET A 196 -2.56 14.35 1.93
CA MET A 196 -3.31 14.58 0.71
C MET A 196 -2.67 13.76 -0.37
N VAL A 197 -3.42 13.52 -1.45
CA VAL A 197 -2.90 12.85 -2.63
C VAL A 197 -1.60 13.48 -3.10
N SER A 198 -0.66 12.63 -3.51
CA SER A 198 0.58 13.12 -4.14
C SER A 198 0.34 13.55 -5.60
N ARG B 35 12.51 -11.30 9.80
CA ARG B 35 12.71 -11.46 8.32
C ARG B 35 14.18 -11.20 7.99
N GLN B 36 14.77 -12.04 7.14
CA GLN B 36 16.23 -12.11 7.02
C GLN B 36 16.71 -11.57 5.68
N VAL B 37 17.54 -10.52 5.69
CA VAL B 37 18.10 -10.07 4.43
C VAL B 37 19.20 -10.99 3.94
N VAL B 38 19.24 -11.15 2.63
CA VAL B 38 20.22 -11.94 1.94
C VAL B 38 21.23 -10.94 1.40
N THR B 39 22.46 -11.08 1.87
CA THR B 39 23.55 -10.19 1.48
C THR B 39 24.02 -10.49 0.06
N ASN B 40 24.76 -9.55 -0.54
CA ASN B 40 25.32 -9.72 -1.89
C ASN B 40 26.84 -9.64 -1.92
N GLY B 41 27.45 -9.74 -0.75
CA GLY B 41 28.89 -9.74 -0.63
C GLY B 41 29.24 -9.45 0.79
N SER B 42 30.48 -9.07 1.01
CA SER B 42 30.97 -8.70 2.33
C SER B 42 30.43 -7.34 2.79
N PRO B 43 30.52 -7.05 4.11
CA PRO B 43 30.41 -5.67 4.58
C PRO B 43 31.27 -4.74 3.74
N LYS B 44 30.68 -3.62 3.33
CA LYS B 44 31.41 -2.56 2.66
C LYS B 44 30.92 -1.18 3.06
N VAL B 45 31.83 -0.22 2.96
CA VAL B 45 31.51 1.18 2.92
C VAL B 45 32.53 1.73 1.94
N GLU B 46 32.09 2.33 0.84
CA GLU B 46 33.04 2.89 -0.11
C GLU B 46 32.40 3.84 -1.12
N LEU B 47 33.20 4.81 -1.57
CA LEU B 47 32.73 5.84 -2.48
C LEU B 47 32.95 5.45 -3.93
N GLN B 48 31.86 5.40 -4.68
CA GLN B 48 31.89 5.21 -6.11
C GLN B 48 31.24 6.45 -6.67
N LYS B 49 31.96 7.12 -7.58
CA LYS B 49 31.53 8.42 -8.08
C LYS B 49 31.20 9.35 -6.90
N ASP B 50 29.92 9.70 -6.74
CA ASP B 50 29.48 10.61 -5.66
C ASP B 50 28.58 9.96 -4.61
N THR B 51 28.58 8.63 -4.58
CA THR B 51 27.73 7.86 -3.68
C THR B 51 28.55 7.01 -2.73
N TYR B 52 28.23 7.14 -1.44
CA TYR B 52 28.79 6.32 -0.37
C TYR B 52 27.88 5.13 -0.24
N LEU B 53 28.43 3.97 -0.55
CA LEU B 53 27.64 2.78 -0.59
C LEU B 53 27.89 2.02 0.67
N VAL B 54 26.85 1.82 1.47
CA VAL B 54 26.98 1.04 2.67
C VAL B 54 26.15 -0.23 2.53
N GLU B 55 26.78 -1.39 2.56
CA GLU B 55 26.11 -2.64 2.19
C GLU B 55 26.52 -3.86 2.96
N ASN B 56 25.57 -4.76 3.15
CA ASN B 56 25.80 -6.10 3.77
C ASN B 56 26.29 -6.08 5.21
N HIS B 57 25.80 -5.12 5.99
CA HIS B 57 26.10 -5.09 7.41
C HIS B 57 25.09 -5.89 8.26
N VAL B 58 25.59 -6.96 8.86
CA VAL B 58 24.74 -7.91 9.57
C VAL B 58 25.13 -8.14 11.04
N ASN B 59 24.19 -7.91 11.95
CA ASN B 59 24.35 -8.07 13.40
C ASN B 59 25.62 -7.46 14.02
N CYS B 60 26.05 -6.31 13.48
CA CYS B 60 27.19 -5.56 14.02
C CYS B 60 26.94 -5.07 15.43
N ALA B 61 27.91 -5.29 16.32
CA ALA B 61 27.85 -4.74 17.68
C ALA B 61 28.48 -3.32 17.75
N ASP B 62 28.96 -2.83 16.60
CA ASP B 62 29.52 -1.48 16.48
C ASP B 62 28.92 -0.75 15.28
N PRO B 63 28.49 0.51 15.47
CA PRO B 63 27.90 1.29 14.40
C PRO B 63 28.84 1.39 13.23
N ILE B 64 28.28 1.69 12.06
CA ILE B 64 29.07 2.05 10.93
C ILE B 64 28.91 3.54 10.82
N THR B 65 30.04 4.26 10.90
CA THR B 65 30.02 5.72 10.91
C THR B 65 30.57 6.30 9.63
N LEU B 66 29.77 7.15 9.00
CA LEU B 66 30.22 7.90 7.84
C LEU B 66 30.69 9.28 8.27
N SER B 67 32.02 9.43 8.41
CA SER B 67 32.60 10.69 8.86
C SER B 67 32.57 11.72 7.76
N GLU B 68 32.77 11.26 6.54
CA GLU B 68 33.08 12.16 5.47
C GLU B 68 31.90 12.41 4.51
N GLY B 69 32.13 13.27 3.54
CA GLY B 69 31.17 13.52 2.51
C GLY B 69 30.44 14.80 2.75
N SER B 70 30.17 15.53 1.66
CA SER B 70 29.57 16.84 1.75
C SER B 70 28.12 16.81 1.28
N ILE B 71 27.61 18.01 1.00
CA ILE B 71 26.31 18.21 0.36
C ILE B 71 26.32 17.68 -1.08
N LYS B 72 27.48 17.25 -1.57
CA LYS B 72 27.55 16.78 -2.95
C LYS B 72 27.25 15.28 -3.06
N ASN B 73 27.32 14.58 -1.94
CA ASN B 73 27.21 13.13 -1.92
C ASN B 73 25.79 12.63 -1.69
N LYS B 74 25.51 11.40 -2.17
CA LYS B 74 24.37 10.61 -1.74
C LYS B 74 24.88 9.49 -0.87
N VAL B 75 24.03 9.01 0.03
CA VAL B 75 24.40 7.85 0.82
C VAL B 75 23.38 6.73 0.50
N SER B 76 23.89 5.58 0.07
CA SER B 76 23.02 4.45 -0.29
C SER B 76 23.29 3.31 0.67
N VAL B 77 22.29 2.95 1.49
CA VAL B 77 22.47 1.90 2.49
C VAL B 77 21.56 0.72 2.13
N ARG B 78 22.16 -0.41 1.82
CA ARG B 78 21.41 -1.54 1.29
C ARG B 78 21.75 -2.78 2.05
N CYS B 79 20.78 -3.69 2.17
CA CYS B 79 21.04 -5.06 2.60
C CYS B 79 21.66 -5.22 3.95
N SER B 80 21.01 -4.66 4.95
CA SER B 80 21.57 -4.72 6.29
C SER B 80 20.52 -5.13 7.29
N GLN B 81 20.97 -5.74 8.38
CA GLN B 81 20.09 -6.18 9.42
C GLN B 81 20.75 -5.95 10.78
N ASN B 82 19.95 -5.49 11.74
CA ASN B 82 20.40 -5.23 13.13
C ASN B 82 21.73 -4.50 13.23
N SER B 83 21.80 -3.36 12.55
CA SER B 83 22.98 -2.54 12.51
C SER B 83 22.60 -1.10 12.79
N ARG B 84 23.53 -0.28 13.24
CA ARG B 84 23.30 1.14 13.40
C ARG B 84 24.21 1.86 12.43
N ILE B 85 23.68 2.83 11.70
CA ILE B 85 24.46 3.60 10.74
C ILE B 85 24.32 5.05 11.11
N ILE B 86 25.46 5.74 11.21
CA ILE B 86 25.51 7.13 11.62
C ILE B 86 26.08 7.95 10.50
N VAL B 87 25.31 8.89 9.99
CA VAL B 87 25.80 9.74 8.96
C VAL B 87 25.97 11.12 9.56
N GLU B 88 27.24 11.59 9.56
CA GLU B 88 27.68 12.76 10.36
C GLU B 88 27.55 14.07 9.62
N GLN B 89 27.98 14.04 8.38
CA GLN B 89 27.92 15.18 7.48
C GLN B 89 26.55 15.32 6.84
N LYS B 90 26.15 16.55 6.58
CA LYS B 90 24.93 16.78 5.81
C LYS B 90 25.22 16.43 4.35
N VAL B 91 24.39 15.54 3.78
CA VAL B 91 24.58 15.07 2.38
C VAL B 91 23.45 15.56 1.41
N ASN B 92 23.59 15.31 0.12
CA ASN B 92 22.48 15.62 -0.75
C ASN B 92 21.19 14.82 -0.48
N SER B 93 21.34 13.49 -0.35
CA SER B 93 20.20 12.55 -0.24
C SER B 93 20.65 11.20 0.33
N ILE B 94 19.77 10.57 1.07
CA ILE B 94 20.01 9.23 1.56
C ILE B 94 18.99 8.25 0.97
N PHE B 95 19.50 7.09 0.56
CA PHE B 95 18.70 6.01 0.02
C PHE B 95 18.95 4.80 0.91
N ILE B 96 17.86 4.27 1.49
CA ILE B 96 17.90 3.11 2.34
C ILE B 96 16.94 2.07 1.78
N GLU B 97 17.50 0.93 1.38
CA GLU B 97 16.71 -0.11 0.74
C GLU B 97 17.03 -1.48 1.30
N ASN B 98 15.99 -2.28 1.46
CA ASN B 98 16.13 -3.65 1.93
C ASN B 98 17.01 -3.77 3.20
N CYS B 99 16.63 -3.03 4.23
CA CYS B 99 17.26 -3.15 5.53
C CYS B 99 16.20 -3.44 6.52
N VAL B 100 16.54 -4.21 7.52
CA VAL B 100 15.58 -4.70 8.49
C VAL B 100 16.16 -4.60 9.89
N GLY B 101 15.43 -4.00 10.81
CA GLY B 101 15.89 -3.91 12.19
C GLY B 101 17.13 -3.05 12.31
N CYS B 102 17.17 -1.94 11.57
CA CYS B 102 18.34 -1.06 11.55
C CYS B 102 18.04 0.29 12.19
N ILE B 103 19.10 0.95 12.64
CA ILE B 103 18.93 2.22 13.28
C ILE B 103 19.84 3.22 12.65
N PHE B 104 19.27 4.39 12.34
CA PHE B 104 19.95 5.41 11.57
C PHE B 104 19.96 6.70 12.33
N LEU B 105 21.13 7.30 12.42
CA LEU B 105 21.20 8.63 12.98
C LEU B 105 21.83 9.48 11.94
N VAL B 106 21.13 10.51 11.51
CA VAL B 106 21.62 11.33 10.40
C VAL B 106 21.57 12.80 10.75
N ASN B 107 22.45 13.58 10.13
CA ASN B 107 22.45 15.01 10.25
C ASN B 107 21.22 15.56 9.54
N GLY B 108 21.32 15.75 8.23
CA GLY B 108 20.16 16.09 7.41
C GLY B 108 20.49 15.87 5.96
N VAL B 109 19.64 16.37 5.07
CA VAL B 109 19.88 16.21 3.65
C VAL B 109 19.43 17.46 2.97
N ILE B 110 19.99 17.71 1.78
CA ILE B 110 19.57 18.84 0.94
C ILE B 110 18.22 18.56 0.31
N SER B 111 18.09 17.39 -0.34
CA SER B 111 16.80 16.96 -0.95
C SER B 111 15.98 16.03 -0.08
N SER B 112 16.30 14.73 -0.07
CA SER B 112 15.37 13.74 0.57
C SER B 112 16.04 12.54 1.11
N ILE B 113 15.25 11.78 1.88
CA ILE B 113 15.61 10.45 2.37
C ILE B 113 14.54 9.49 1.83
N GLU B 114 15.01 8.47 1.15
CA GLU B 114 14.20 7.55 0.40
C GLU B 114 14.37 6.18 1.02
N ILE B 115 13.28 5.66 1.56
CA ILE B 115 13.28 4.38 2.24
C ILE B 115 12.36 3.40 1.46
N VAL B 116 12.90 2.30 0.98
CA VAL B 116 12.13 1.39 0.16
C VAL B 116 12.33 0.02 0.68
N ASN B 117 11.24 -0.69 0.92
CA ASN B 117 11.33 -2.12 1.27
C ASN B 117 12.14 -2.41 2.56
N CYS B 118 11.87 -1.64 3.60
CA CYS B 118 12.52 -1.85 4.90
C CYS B 118 11.48 -2.16 5.93
N ASP B 119 11.88 -2.93 6.92
CA ASP B 119 11.02 -3.34 8.01
C ASP B 119 11.74 -3.04 9.31
N ASP B 120 11.04 -2.39 10.25
CA ASP B 120 11.58 -2.07 11.60
C ASP B 120 12.80 -1.17 11.55
N ILE B 121 12.57 0.08 11.18
CA ILE B 121 13.62 1.04 10.93
C ILE B 121 13.44 2.20 11.86
N LYS B 122 14.53 2.70 12.41
CA LYS B 122 14.47 3.89 13.22
C LYS B 122 15.31 4.97 12.60
N LEU B 123 14.73 6.14 12.41
CA LEU B 123 15.48 7.22 11.80
C LEU B 123 15.42 8.51 12.61
N GLN B 124 16.60 9.00 13.01
CA GLN B 124 16.65 10.23 13.78
C GLN B 124 17.40 11.30 13.05
N MET B 125 16.87 12.52 13.05
CA MET B 125 17.64 13.63 12.49
C MET B 125 18.24 14.63 13.52
N THR B 126 19.49 15.01 13.28
CA THR B 126 20.15 16.08 14.01
C THR B 126 19.57 17.39 13.51
N GLY B 127 19.61 17.55 12.18
CA GLY B 127 19.24 18.79 11.54
C GLY B 127 18.00 18.74 10.70
N ILE B 128 18.16 19.14 9.45
CA ILE B 128 17.07 19.39 8.54
C ILE B 128 16.92 18.22 7.56
N VAL B 129 15.70 17.71 7.47
CA VAL B 129 15.30 16.77 6.40
C VAL B 129 13.96 17.24 5.81
N PRO B 130 14.00 17.90 4.64
CA PRO B 130 12.78 18.46 4.06
C PRO B 130 11.81 17.35 3.60
N THR B 131 12.31 16.35 2.87
CA THR B 131 11.44 15.29 2.30
C THR B 131 11.85 13.89 2.73
N ILE B 132 10.88 13.09 3.16
CA ILE B 132 11.10 11.66 3.37
C ILE B 132 10.08 10.82 2.60
N SER B 133 10.54 9.72 2.01
CA SER B 133 9.67 8.88 1.22
C SER B 133 9.68 7.44 1.72
N LEU B 134 8.49 6.93 2.03
CA LEU B 134 8.37 5.57 2.49
C LEU B 134 7.60 4.70 1.46
N ASP B 135 8.14 3.53 1.18
CA ASP B 135 7.58 2.67 0.16
C ASP B 135 7.78 1.20 0.43
N LYS B 136 6.68 0.46 0.46
CA LYS B 136 6.69 -0.96 0.72
C LYS B 136 7.41 -1.17 2.04
N SER B 137 7.15 -0.33 3.02
CA SER B 137 7.86 -0.50 4.29
C SER B 137 6.95 -0.50 5.50
N ASN B 138 7.34 -1.26 6.52
CA ASN B 138 6.54 -1.40 7.74
C ASN B 138 7.36 -1.16 8.99
N LYS B 139 6.77 -0.43 9.95
CA LYS B 139 7.37 -0.21 11.29
C LYS B 139 8.59 0.68 11.14
N VAL B 140 8.32 1.90 10.69
CA VAL B 140 9.33 2.91 10.54
C VAL B 140 9.00 3.98 11.54
N ASN B 141 9.97 4.32 12.39
CA ASN B 141 9.81 5.44 13.31
C ASN B 141 10.75 6.55 12.97
N ILE B 142 10.18 7.72 12.66
CA ILE B 142 10.95 8.91 12.29
C ILE B 142 10.97 9.94 13.43
N TYR B 143 12.15 10.18 13.98
CA TYR B 143 12.34 11.12 15.12
C TYR B 143 12.90 12.42 14.57
N THR B 144 12.08 13.46 14.61
CA THR B 144 12.51 14.75 14.05
C THR B 144 13.37 15.55 15.02
N SER B 145 13.81 16.70 14.53
CA SER B 145 14.62 17.64 15.27
C SER B 145 13.83 18.93 15.32
N LYS B 146 14.23 19.80 16.25
CA LYS B 146 13.53 21.07 16.48
C LYS B 146 13.40 21.84 15.16
N GLU B 147 14.55 22.05 14.49
CA GLU B 147 14.60 22.76 13.19
C GLU B 147 13.71 22.10 12.12
N GLY B 148 13.69 20.75 12.06
CA GLY B 148 13.08 20.01 10.94
C GLY B 148 11.73 19.36 11.12
N LYS B 149 10.89 19.96 11.98
CA LYS B 149 9.52 19.47 12.28
C LYS B 149 8.54 19.50 11.07
N ASN B 150 8.86 20.35 10.10
CA ASN B 150 8.02 20.58 8.90
C ASN B 150 8.15 19.50 7.80
N VAL B 151 8.80 18.37 8.11
CA VAL B 151 9.15 17.34 7.12
C VAL B 151 7.91 16.85 6.35
N GLU B 152 8.08 16.67 5.04
CA GLU B 152 7.03 16.09 4.20
C GLU B 152 7.34 14.60 4.01
N VAL B 153 6.40 13.75 4.42
CA VAL B 153 6.54 12.31 4.28
C VAL B 153 5.60 11.78 3.18
N TYR B 154 6.20 11.23 2.13
CA TYR B 154 5.47 10.52 1.11
C TYR B 154 5.45 9.08 1.53
N SER B 155 4.29 8.44 1.44
CA SER B 155 4.21 7.04 1.77
C SER B 155 3.32 6.33 0.79
N SER B 156 3.72 5.12 0.48
CA SER B 156 2.93 4.22 -0.30
C SER B 156 3.18 2.77 0.14
N LYS B 157 2.12 1.98 0.12
CA LYS B 157 2.23 0.55 0.41
C LYS B 157 3.06 0.32 1.67
N SER B 158 2.88 1.22 2.62
CA SER B 158 3.62 1.12 3.85
C SER B 158 2.66 1.09 5.03
N SER B 159 3.11 0.50 6.12
CA SER B 159 2.29 0.37 7.34
C SER B 159 3.08 0.75 8.62
N GLU B 160 2.37 1.00 9.73
CA GLU B 160 3.02 1.24 11.05
C GLU B 160 4.13 2.30 11.01
N MET B 161 3.76 3.47 10.50
CA MET B 161 4.69 4.56 10.33
C MET B 161 4.40 5.69 11.33
N ASN B 162 5.45 6.17 11.98
CA ASN B 162 5.32 7.23 12.98
C ASN B 162 6.30 8.35 12.83
N LEU B 163 5.76 9.57 12.92
CA LEU B 163 6.54 10.78 13.04
C LEU B 163 6.63 11.15 14.52
N LEU B 164 7.80 11.57 14.98
CA LEU B 164 8.01 11.85 16.41
C LEU B 164 8.70 13.18 16.65
N PHE B 165 7.96 14.08 17.31
CA PHE B 165 8.45 15.43 17.61
C PHE B 165 8.92 15.53 19.06
N PRO B 166 10.00 16.32 19.31
CA PRO B 166 10.65 16.34 20.63
C PRO B 166 9.95 17.23 21.67
N TRP B 173 8.80 12.87 23.72
CA TRP B 173 8.53 12.55 22.31
C TRP B 173 7.03 12.48 21.95
N LYS B 174 6.53 13.45 21.17
CA LYS B 174 5.15 13.37 20.63
C LYS B 174 5.05 12.43 19.36
N GLU B 175 4.35 11.31 19.51
CA GLU B 175 4.24 10.26 18.47
C GLU B 175 2.97 10.36 17.62
N LEU B 176 3.10 10.84 16.38
CA LEU B 176 1.97 10.92 15.44
C LEU B 176 1.98 9.78 14.39
N ALA B 177 0.86 9.07 14.25
CA ALA B 177 0.74 7.99 13.26
C ALA B 177 0.42 8.57 11.86
N ILE B 178 1.23 8.18 10.87
CA ILE B 178 0.94 8.48 9.48
C ILE B 178 -0.17 7.54 9.00
N PRO B 179 -1.19 8.10 8.33
CA PRO B 179 -2.32 7.28 7.93
C PRO B 179 -1.93 6.27 6.82
N GLU B 180 -2.57 5.11 6.83
CA GLU B 180 -2.28 4.10 5.83
C GLU B 180 -3.56 3.63 5.09
N GLN B 181 -4.67 4.35 5.31
CA GLN B 181 -5.94 4.06 4.64
C GLN B 181 -6.65 5.27 4.08
N PHE B 182 -7.12 5.15 2.84
CA PHE B 182 -7.78 6.24 2.19
C PHE B 182 -9.14 5.88 1.61
N VAL B 183 -9.97 6.88 1.37
CA VAL B 183 -11.26 6.66 0.71
C VAL B 183 -11.36 7.50 -0.55
N THR B 184 -11.83 6.88 -1.62
CA THR B 184 -11.96 7.57 -2.89
C THR B 184 -13.40 7.44 -3.40
N LYS B 185 -13.94 8.53 -3.88
CA LYS B 185 -15.31 8.55 -4.39
C LYS B 185 -15.34 9.49 -5.57
N TYR B 186 -16.21 9.15 -6.51
CA TYR B 186 -16.33 9.89 -7.74
C TYR B 186 -17.13 11.16 -7.54
N ASN B 187 -16.52 12.28 -7.90
CA ASN B 187 -17.25 13.56 -8.03
C ASN B 187 -17.81 13.68 -9.47
N GLU B 188 -19.09 13.33 -9.62
CA GLU B 188 -19.80 13.35 -10.91
C GLU B 188 -19.83 14.77 -11.45
N SER B 189 -20.27 15.72 -10.61
CA SER B 189 -20.30 17.16 -10.91
C SER B 189 -18.95 17.82 -11.19
N LYS B 190 -17.89 17.00 -11.35
CA LYS B 190 -16.55 17.52 -11.62
C LYS B 190 -15.71 16.55 -12.45
N GLY B 191 -16.25 15.37 -12.72
CA GLY B 191 -15.58 14.34 -13.52
C GLY B 191 -14.21 13.86 -13.06
N LYS B 192 -13.96 13.89 -11.75
CA LYS B 192 -12.71 13.37 -11.19
C LYS B 192 -12.97 12.59 -9.91
N LEU B 193 -12.06 11.69 -9.60
CA LEU B 193 -11.99 11.04 -8.27
C LEU B 193 -11.54 12.04 -7.21
N GLU B 194 -12.11 11.93 -6.02
CA GLU B 194 -11.64 12.70 -4.88
C GLU B 194 -11.28 11.75 -3.76
N SER B 195 -10.18 12.03 -3.06
CA SER B 195 -9.71 11.12 -2.03
C SER B 195 -9.44 11.82 -0.71
N MET B 196 -9.63 11.08 0.39
CA MET B 196 -9.46 11.62 1.73
C MET B 196 -8.85 10.56 2.62
N VAL B 197 -8.09 11.00 3.62
CA VAL B 197 -7.73 10.12 4.72
C VAL B 197 -9.03 9.60 5.36
N SER B 198 -9.07 8.30 5.63
CA SER B 198 -10.21 7.69 6.31
C SER B 198 -10.09 7.91 7.82
UNK UNX C . -17.50 -7.47 -18.88
#